data_3F5S
#
_entry.id   3F5S
#
_cell.length_a   53.993
_cell.length_b   67.414
_cell.length_c   65.031
_cell.angle_alpha   90.000
_cell.angle_beta   108.690
_cell.angle_gamma   90.000
#
_symmetry.space_group_name_H-M   'P 1 21 1'
#
loop_
_entity.id
_entity.type
_entity.pdbx_description
1 polymer dehydrogenase
2 water water
#
_entity_poly.entity_id   1
_entity_poly.type   'polypeptide(L)'
_entity_poly.pdbx_seq_one_letter_code
;MSLKQDLLNDRIILVTGASDGIGREAAMTYARYGATVILLGRNEEKLRQVASHINEETGRQPQWFILDLLTCTSENCQQL
AQRIVVNYPRLDGVLHNAGLLGDVCPMSEQNPQVWQDVMQINVNATFMLTQALLPLLLKSDAGSLVFTSSSVGRQGRANW
GAYAASKFATEGMMQVLADEYQQRLRVNCINPGGTRTAMRASAFPTEDPQKLKTPADIMPLYLWLMGDDSRRKTGMTFDA
QPGRKPGEGHHHHHH
;
_entity_poly.pdbx_strand_id   A,B
#
# COMPACT_ATOMS: atom_id res chain seq x y z
N GLN A 5 7.74 26.47 24.83
CA GLN A 5 6.89 27.66 25.12
C GLN A 5 5.41 27.47 24.78
N ASP A 6 4.86 28.41 24.03
CA ASP A 6 3.43 28.45 23.76
C ASP A 6 3.08 28.26 22.28
N LEU A 7 3.96 27.57 21.57
CA LEU A 7 3.76 27.29 20.15
C LEU A 7 2.33 26.84 19.82
N LEU A 8 1.77 26.00 20.68
CA LEU A 8 0.53 25.32 20.32
C LEU A 8 -0.65 25.78 21.17
N ASN A 9 -0.52 26.94 21.83
CA ASN A 9 -1.65 27.47 22.57
C ASN A 9 -2.89 27.54 21.68
N ASP A 10 -4.03 27.09 22.20
CA ASP A 10 -5.31 27.18 21.48
C ASP A 10 -5.34 26.35 20.19
N ARG A 11 -4.55 25.30 20.16
CA ARG A 11 -4.60 24.30 19.09
C ARG A 11 -5.12 23.01 19.68
N ILE A 12 -6.13 22.43 19.04
CA ILE A 12 -6.72 21.18 19.48
C ILE A 12 -6.13 20.07 18.60
N ILE A 13 -5.39 19.15 19.19
CA ILE A 13 -4.69 18.13 18.43
C ILE A 13 -5.00 16.74 18.92
N LEU A 14 -5.44 15.88 18.01
CA LEU A 14 -5.73 14.48 18.28
C LEU A 14 -4.53 13.63 17.94
N VAL A 15 -4.13 12.75 18.86
CA VAL A 15 -2.94 11.91 18.66
C VAL A 15 -3.35 10.44 18.77
N THR A 16 -3.11 9.65 17.73
CA THR A 16 -3.37 8.22 17.81
C THR A 16 -2.16 7.48 18.34
N GLY A 17 -2.38 6.26 18.82
CA GLY A 17 -1.31 5.49 19.44
C GLY A 17 -0.74 6.22 20.65
N ALA A 18 -1.61 6.95 21.35
CA ALA A 18 -1.15 7.90 22.37
C ALA A 18 -0.69 7.23 23.65
N SER A 19 -0.91 5.93 23.77
CA SER A 19 -0.75 5.28 25.06
C SER A 19 0.66 4.79 25.29
N ASP A 20 1.49 4.80 24.26
CA ASP A 20 2.88 4.36 24.42
C ASP A 20 3.81 4.96 23.36
N GLY A 21 5.09 4.77 23.56
CA GLY A 21 6.12 5.10 22.59
C GLY A 21 6.08 6.51 22.05
N ILE A 22 6.19 6.65 20.73
CA ILE A 22 6.23 7.97 20.12
C ILE A 22 4.92 8.74 20.31
N GLY A 23 3.79 8.04 20.20
CA GLY A 23 2.48 8.68 20.41
C GLY A 23 2.34 9.31 21.79
N ARG A 24 2.77 8.58 22.81
CA ARG A 24 2.69 9.08 24.18
CA ARG A 24 2.68 9.09 24.18
C ARG A 24 3.57 10.31 24.33
N GLU A 25 4.79 10.22 23.79
CA GLU A 25 5.70 11.36 23.87
C GLU A 25 5.16 12.58 23.11
N ALA A 26 4.60 12.35 21.93
CA ALA A 26 4.03 13.46 21.15
C ALA A 26 2.84 14.11 21.91
N ALA A 27 1.96 13.29 22.48
CA ALA A 27 0.85 13.86 23.23
C ALA A 27 1.34 14.71 24.38
N MET A 28 2.33 14.20 25.11
CA MET A 28 2.86 14.94 26.25
C MET A 28 3.56 16.23 25.83
N THR A 29 4.33 16.17 24.74
CA THR A 29 5.06 17.33 24.22
C THR A 29 4.10 18.40 23.72
N TYR A 30 3.09 17.98 22.95
CA TYR A 30 2.12 18.96 22.45
C TYR A 30 1.43 19.67 23.62
N ALA A 31 1.08 18.91 24.65
CA ALA A 31 0.40 19.51 25.79
C ALA A 31 1.33 20.48 26.52
N ARG A 32 2.59 20.11 26.64
CA ARG A 32 3.55 21.00 27.30
C ARG A 32 3.66 22.31 26.53
N TYR A 33 3.47 22.25 25.22
CA TYR A 33 3.53 23.45 24.41
C TYR A 33 2.19 24.15 24.24
N GLY A 34 1.21 23.78 25.07
CA GLY A 34 -0.02 24.55 25.15
C GLY A 34 -1.22 23.98 24.45
N ALA A 35 -1.04 22.87 23.73
CA ALA A 35 -2.16 22.28 22.99
C ALA A 35 -3.21 21.67 23.89
N THR A 36 -4.45 21.66 23.40
CA THR A 36 -5.46 20.86 23.99
C THR A 36 -5.36 19.52 23.27
N VAL A 37 -4.95 18.48 23.97
CA VAL A 37 -4.73 17.17 23.34
C VAL A 37 -5.86 16.17 23.55
N ILE A 38 -6.13 15.37 22.52
CA ILE A 38 -7.10 14.30 22.60
C ILE A 38 -6.35 13.00 22.34
N LEU A 39 -6.42 12.07 23.27
CA LEU A 39 -5.64 10.84 23.19
C LEU A 39 -6.52 9.74 22.64
N LEU A 40 -6.04 9.07 21.60
CA LEU A 40 -6.75 7.92 21.06
C LEU A 40 -5.90 6.68 21.23
N GLY A 41 -6.51 5.58 21.62
CA GLY A 41 -5.73 4.34 21.80
C GLY A 41 -6.62 3.15 22.06
N ARG A 42 -6.03 1.97 22.15
CA ARG A 42 -6.84 0.78 22.43
C ARG A 42 -7.01 0.47 23.91
N ASN A 43 -6.10 0.96 24.77
CA ASN A 43 -6.00 0.52 26.17
C ASN A 43 -6.41 1.61 27.17
N GLU A 44 -7.57 1.45 27.79
CA GLU A 44 -8.10 2.48 28.71
C GLU A 44 -7.18 2.79 29.89
N GLU A 45 -6.63 1.74 30.50
CA GLU A 45 -5.74 1.96 31.65
C GLU A 45 -4.57 2.85 31.26
N LYS A 46 -3.93 2.55 30.14
CA LYS A 46 -2.77 3.33 29.71
C LYS A 46 -3.17 4.74 29.31
N LEU A 47 -4.30 4.90 28.63
CA LEU A 47 -4.73 6.26 28.24
C LEU A 47 -5.02 7.09 29.47
N ARG A 48 -5.71 6.50 30.45
CA ARG A 48 -5.92 7.19 31.73
C ARG A 48 -4.60 7.60 32.39
N GLN A 49 -3.63 6.70 32.38
CA GLN A 49 -2.29 7.03 32.93
C GLN A 49 -1.65 8.22 32.21
N VAL A 50 -1.62 8.18 30.89
CA VAL A 50 -1.02 9.28 30.13
C VAL A 50 -1.76 10.57 30.41
N ALA A 51 -3.09 10.52 30.40
CA ALA A 51 -3.86 11.71 30.69
C ALA A 51 -3.53 12.26 32.06
N SER A 52 -3.32 11.38 33.02
CA SER A 52 -2.98 11.80 34.40
C SER A 52 -1.63 12.50 34.47
N HIS A 53 -0.63 11.95 33.78
CA HIS A 53 0.69 12.57 33.71
C HIS A 53 0.64 13.91 33.04
N ILE A 54 -0.08 14.01 31.93
CA ILE A 54 -0.21 15.31 31.27
C ILE A 54 -0.83 16.33 32.21
N ASN A 55 -1.84 15.92 32.96
CA ASN A 55 -2.52 16.83 33.88
C ASN A 55 -1.54 17.33 34.94
N GLU A 56 -0.72 16.42 35.44
CA GLU A 56 0.31 16.79 36.44
C GLU A 56 1.27 17.86 35.91
N GLU A 57 1.62 17.77 34.63
CA GLU A 57 2.58 18.69 34.00
C GLU A 57 1.98 19.99 33.45
N THR A 58 0.67 20.07 33.29
CA THR A 58 0.12 21.23 32.60
C THR A 58 -1.06 21.84 33.31
N GLY A 59 -1.63 21.09 34.24
CA GLY A 59 -2.84 21.56 34.92
C GLY A 59 -4.05 21.41 34.04
N ARG A 60 -3.86 20.89 32.82
CA ARG A 60 -4.99 20.62 31.95
C ARG A 60 -5.08 19.12 31.68
N GLN A 61 -6.25 18.54 31.89
CA GLN A 61 -6.43 17.11 31.75
C GLN A 61 -6.98 16.75 30.36
N PRO A 62 -6.22 15.98 29.57
CA PRO A 62 -6.70 15.59 28.24
C PRO A 62 -7.82 14.56 28.32
N GLN A 63 -8.76 14.63 27.38
CA GLN A 63 -9.71 13.53 27.22
C GLN A 63 -9.13 12.43 26.35
N TRP A 64 -9.63 11.23 26.53
CA TRP A 64 -9.23 10.10 25.72
C TRP A 64 -10.44 9.38 25.15
N PHE A 65 -10.22 8.74 24.01
CA PHE A 65 -11.24 7.95 23.36
C PHE A 65 -10.63 6.63 22.94
N ILE A 66 -11.40 5.57 23.05
CA ILE A 66 -10.97 4.25 22.69
C ILE A 66 -11.24 4.00 21.22
N LEU A 67 -10.21 3.57 20.49
CA LEU A 67 -10.42 3.08 19.15
C LEU A 67 -9.32 2.08 18.89
N ASP A 68 -9.69 0.88 18.43
CA ASP A 68 -8.67 -0.11 18.10
C ASP A 68 -8.60 -0.22 16.58
N LEU A 69 -7.49 0.24 16.00
CA LEU A 69 -7.39 0.28 14.55
C LEU A 69 -7.34 -1.09 13.91
N LEU A 70 -7.03 -2.13 14.67
CA LEU A 70 -7.01 -3.46 14.09
C LEU A 70 -8.43 -3.92 13.76
N THR A 71 -9.39 -3.45 14.54
CA THR A 71 -10.74 -4.02 14.52
C THR A 71 -11.81 -3.02 14.09
N CYS A 72 -11.50 -1.72 14.13
CA CYS A 72 -12.56 -0.74 13.91
C CYS A 72 -13.15 -0.76 12.49
N THR A 73 -14.43 -0.42 12.40
CA THR A 73 -15.07 -0.26 11.12
C THR A 73 -15.20 1.23 10.82
N SER A 74 -15.63 1.54 9.61
CA SER A 74 -15.92 2.92 9.30
C SER A 74 -16.98 3.50 10.21
N GLU A 75 -18.03 2.73 10.50
CA GLU A 75 -19.06 3.25 11.41
C GLU A 75 -18.47 3.56 12.79
N ASN A 76 -17.58 2.71 13.30
CA ASN A 76 -16.92 3.02 14.56
C ASN A 76 -16.17 4.35 14.50
N CYS A 77 -15.52 4.60 13.37
CA CYS A 77 -14.75 5.83 13.27
C CYS A 77 -15.68 7.05 13.20
N GLN A 78 -16.80 6.89 12.50
CA GLN A 78 -17.80 7.96 12.44
C GLN A 78 -18.38 8.26 13.81
N GLN A 79 -18.63 7.21 14.59
CA GLN A 79 -19.17 7.39 15.93
C GLN A 79 -18.16 8.08 16.82
N LEU A 80 -16.88 7.76 16.66
CA LEU A 80 -15.83 8.45 17.41
C LEU A 80 -15.84 9.94 17.07
N ALA A 81 -15.93 10.26 15.77
CA ALA A 81 -15.97 11.66 15.41
C ALA A 81 -17.19 12.36 16.00
N GLN A 82 -18.34 11.68 16.05
CA GLN A 82 -19.52 12.30 16.68
C GLN A 82 -19.25 12.62 18.16
N ARG A 83 -18.56 11.73 18.85
CA ARG A 83 -18.21 12.01 20.25
C ARG A 83 -17.26 13.18 20.39
N ILE A 84 -16.31 13.34 19.46
CA ILE A 84 -15.43 14.48 19.48
C ILE A 84 -16.20 15.75 19.23
N VAL A 85 -17.11 15.74 18.25
CA VAL A 85 -17.93 16.92 17.98
C VAL A 85 -18.71 17.39 19.19
N VAL A 86 -19.15 16.47 20.05
CA VAL A 86 -19.90 16.89 21.24
C VAL A 86 -19.03 17.76 22.16
N ASN A 87 -17.73 17.48 22.16
CA ASN A 87 -16.82 18.02 23.14
C ASN A 87 -15.93 19.14 22.60
N TYR A 88 -15.75 19.19 21.28
CA TYR A 88 -14.76 20.07 20.65
C TYR A 88 -15.32 20.72 19.39
N PRO A 89 -14.93 21.99 19.14
CA PRO A 89 -15.46 22.75 18.00
C PRO A 89 -14.76 22.50 16.67
N ARG A 90 -13.59 21.87 16.73
CA ARG A 90 -12.74 21.68 15.55
C ARG A 90 -11.63 20.73 15.94
N LEU A 91 -10.88 20.27 14.95
CA LEU A 91 -9.53 19.74 15.21
C LEU A 91 -8.50 20.55 14.42
N ASP A 92 -7.48 21.07 15.08
CA ASP A 92 -6.41 21.77 14.37
C ASP A 92 -5.37 20.80 13.87
N GLY A 93 -5.27 19.64 14.50
CA GLY A 93 -4.24 18.68 14.07
C GLY A 93 -4.70 17.28 14.31
N VAL A 94 -4.29 16.38 13.44
CA VAL A 94 -4.39 14.94 13.69
C VAL A 94 -3.03 14.34 13.37
N LEU A 95 -2.49 13.64 14.37
CA LEU A 95 -1.23 12.92 14.23
C LEU A 95 -1.50 11.44 14.29
N HIS A 96 -1.28 10.78 13.16
CA HIS A 96 -1.49 9.33 13.07
C HIS A 96 -0.17 8.67 13.47
N ASN A 97 -0.12 8.10 14.65
N ASN A 97 -0.05 8.21 14.72
CA ASN A 97 1.10 7.49 15.06
CA ASN A 97 1.13 7.48 15.17
C ASN A 97 0.92 5.97 15.30
C ASN A 97 0.92 5.98 15.14
N ALA A 98 -0.33 5.53 15.35
CA ALA A 98 -0.62 4.12 15.47
C ALA A 98 -0.04 3.35 14.29
N GLY A 99 0.48 2.17 14.59
CA GLY A 99 0.94 1.32 13.53
C GLY A 99 1.33 -0.04 14.05
N LEU A 100 1.49 -0.98 13.13
CA LEU A 100 2.02 -2.28 13.43
C LEU A 100 3.20 -2.56 12.52
N LEU A 101 4.29 -3.05 13.10
CA LEU A 101 5.48 -3.41 12.35
C LEU A 101 5.31 -4.74 11.62
N GLY A 102 4.77 -5.73 12.32
CA GLY A 102 4.62 -7.08 11.76
C GLY A 102 5.95 -7.79 11.65
N ASP A 103 6.03 -8.69 10.66
CA ASP A 103 7.15 -9.59 10.53
C ASP A 103 8.32 -8.89 9.84
N VAL A 104 9.53 -9.08 10.35
CA VAL A 104 10.74 -8.64 9.67
C VAL A 104 11.51 -9.90 9.26
N CYS A 105 11.31 -10.28 8.00
CA CYS A 105 11.77 -11.54 7.49
C CYS A 105 11.46 -11.57 6.00
N PRO A 106 12.06 -12.50 5.27
CA PRO A 106 11.91 -12.49 3.82
C PRO A 106 10.46 -12.66 3.39
N MET A 107 10.16 -12.17 2.20
CA MET A 107 8.84 -12.33 1.63
C MET A 107 8.37 -13.75 1.57
N SER A 108 9.25 -14.71 1.31
CA SER A 108 8.83 -16.10 1.33
C SER A 108 8.37 -16.58 2.71
N GLU A 109 8.76 -15.88 3.77
CA GLU A 109 8.49 -16.30 5.16
C GLU A 109 7.42 -15.43 5.81
N GLN A 110 7.02 -14.32 5.21
CA GLN A 110 6.00 -13.42 5.79
C GLN A 110 4.72 -14.21 6.11
N ASN A 111 4.19 -14.05 7.32
CA ASN A 111 2.93 -14.68 7.70
C ASN A 111 1.78 -13.88 7.10
N PRO A 112 0.91 -14.55 6.31
CA PRO A 112 -0.09 -13.73 5.60
C PRO A 112 -1.11 -13.08 6.51
N GLN A 113 -1.29 -13.64 7.71
CA GLN A 113 -2.24 -13.06 8.65
C GLN A 113 -1.67 -11.78 9.24
N VAL A 114 -0.37 -11.80 9.55
CA VAL A 114 0.27 -10.63 10.07
C VAL A 114 0.31 -9.55 8.97
N TRP A 115 0.59 -9.97 7.74
CA TRP A 115 0.62 -9.05 6.60
C TRP A 115 -0.72 -8.31 6.52
N GLN A 116 -1.82 -9.07 6.56
CA GLN A 116 -3.17 -8.49 6.50
CA GLN A 116 -3.13 -8.44 6.46
C GLN A 116 -3.40 -7.49 7.61
N ASP A 117 -2.94 -7.83 8.82
CA ASP A 117 -3.13 -6.93 9.95
C ASP A 117 -2.29 -5.65 9.85
N VAL A 118 -1.08 -5.72 9.33
CA VAL A 118 -0.26 -4.52 9.11
C VAL A 118 -0.97 -3.61 8.11
N MET A 119 -1.48 -4.17 7.03
CA MET A 119 -2.21 -3.37 6.05
C MET A 119 -3.49 -2.79 6.63
N GLN A 120 -4.18 -3.56 7.47
CA GLN A 120 -5.45 -3.09 8.00
C GLN A 120 -5.26 -1.91 8.93
N ILE A 121 -4.28 -2.01 9.83
CA ILE A 121 -4.01 -0.93 10.74
C ILE A 121 -3.38 0.26 10.05
N ASN A 122 -2.28 0.02 9.33
CA ASN A 122 -1.44 1.12 8.83
C ASN A 122 -2.10 1.83 7.65
N VAL A 123 -2.89 1.11 6.86
CA VAL A 123 -3.50 1.70 5.67
C VAL A 123 -5.02 1.84 5.83
N ASN A 124 -5.75 0.74 5.95
CA ASN A 124 -7.22 0.84 5.85
C ASN A 124 -7.84 1.61 7.01
N ALA A 125 -7.47 1.28 8.23
CA ALA A 125 -8.07 1.95 9.37
C ALA A 125 -7.56 3.37 9.50
N THR A 126 -6.31 3.62 9.13
CA THR A 126 -5.76 4.96 9.12
C THR A 126 -6.55 5.80 8.10
N PHE A 127 -6.84 5.26 6.92
CA PHE A 127 -7.73 5.92 5.96
C PHE A 127 -9.14 6.15 6.56
N MET A 128 -9.77 5.14 7.15
CA MET A 128 -11.14 5.28 7.65
C MET A 128 -11.23 6.33 8.76
N LEU A 129 -10.22 6.39 9.61
CA LEU A 129 -10.23 7.36 10.69
C LEU A 129 -10.01 8.76 10.11
N THR A 130 -9.07 8.90 9.18
CA THR A 130 -8.88 10.17 8.47
C THR A 130 -10.18 10.64 7.85
N GLN A 131 -10.88 9.77 7.14
CA GLN A 131 -12.11 10.15 6.51
C GLN A 131 -13.08 10.71 7.54
N ALA A 132 -13.23 10.02 8.67
CA ALA A 132 -14.17 10.47 9.71
C ALA A 132 -13.83 11.83 10.29
N LEU A 133 -12.54 12.19 10.33
CA LEU A 133 -12.07 13.39 11.00
C LEU A 133 -11.87 14.57 10.05
N LEU A 134 -12.01 14.36 8.75
CA LEU A 134 -11.82 15.47 7.78
C LEU A 134 -12.76 16.67 8.08
N PRO A 135 -14.06 16.46 8.35
CA PRO A 135 -14.90 17.64 8.59
C PRO A 135 -14.41 18.49 9.78
N LEU A 136 -13.98 17.83 10.85
CA LEU A 136 -13.43 18.57 11.98
C LEU A 136 -12.15 19.34 11.63
N LEU A 137 -11.29 18.70 10.86
CA LEU A 137 -10.06 19.37 10.41
C LEU A 137 -10.34 20.59 9.53
N LEU A 138 -11.41 20.50 8.71
CA LEU A 138 -11.75 21.63 7.84
C LEU A 138 -12.26 22.83 8.65
N LYS A 139 -12.60 22.62 9.92
CA LYS A 139 -13.07 23.69 10.79
C LYS A 139 -11.93 24.49 11.40
N SER A 140 -10.72 23.95 11.36
CA SER A 140 -9.53 24.69 11.79
C SER A 140 -9.26 25.85 10.84
N ASP A 141 -8.60 26.88 11.35
CA ASP A 141 -8.08 27.95 10.48
C ASP A 141 -7.08 27.41 9.51
N ALA A 142 -6.38 26.34 9.89
CA ALA A 142 -5.33 25.75 9.04
C ALA A 142 -5.02 24.36 9.54
N GLY A 143 -5.89 23.41 9.24
CA GLY A 143 -5.73 22.09 9.85
C GLY A 143 -4.48 21.40 9.31
N SER A 144 -3.86 20.59 10.16
CA SER A 144 -2.67 19.81 9.80
C SER A 144 -2.90 18.32 10.06
N LEU A 145 -2.67 17.53 9.05
CA LEU A 145 -2.84 16.10 9.11
C LEU A 145 -1.48 15.48 8.87
N VAL A 146 -1.01 14.63 9.77
CA VAL A 146 0.36 14.08 9.73
C VAL A 146 0.28 12.54 9.83
N PHE A 147 0.88 11.87 8.84
CA PHE A 147 1.01 10.41 8.87
C PHE A 147 2.40 10.01 9.26
N THR A 148 2.54 8.79 9.78
CA THR A 148 3.84 8.22 10.11
C THR A 148 4.34 7.38 8.96
N SER A 149 5.51 7.71 8.41
CA SER A 149 6.13 6.94 7.32
C SER A 149 7.39 6.22 7.83
N SER A 150 8.30 5.88 6.92
CA SER A 150 9.51 5.20 7.27
C SER A 150 10.46 5.34 6.11
N SER A 151 11.76 5.08 6.31
CA SER A 151 12.68 5.03 5.19
C SER A 151 12.20 3.97 4.19
N VAL A 152 11.60 2.91 4.70
CA VAL A 152 11.16 1.82 3.81
C VAL A 152 9.82 2.12 3.17
N GLY A 153 9.29 3.30 3.40
CA GLY A 153 8.18 3.82 2.60
C GLY A 153 8.61 4.59 1.36
N ARG A 154 9.92 4.77 1.19
CA ARG A 154 10.48 5.47 0.03
C ARG A 154 11.40 4.57 -0.76
N GLN A 155 12.11 3.68 -0.07
CA GLN A 155 12.94 2.68 -0.75
C GLN A 155 12.69 1.33 -0.08
N GLY A 156 12.06 0.39 -0.79
CA GLY A 156 11.80 -0.91 -0.22
C GLY A 156 13.12 -1.62 0.00
N ARG A 157 13.22 -2.33 1.10
CA ARG A 157 14.44 -3.08 1.37
CA ARG A 157 14.43 -3.03 1.49
C ARG A 157 14.08 -4.47 1.88
N ALA A 158 14.99 -5.42 1.61
CA ALA A 158 14.83 -6.79 2.02
C ALA A 158 14.34 -6.93 3.46
N ASN A 159 13.41 -7.85 3.65
CA ASN A 159 12.92 -8.25 4.98
C ASN A 159 11.81 -7.38 5.55
N TRP A 160 11.50 -6.24 4.91
CA TRP A 160 10.59 -5.29 5.51
C TRP A 160 9.14 -5.48 5.07
N GLY A 161 8.92 -6.41 4.15
CA GLY A 161 7.60 -6.97 3.85
C GLY A 161 6.40 -6.04 3.95
N ALA A 162 5.45 -6.44 4.79
CA ALA A 162 4.20 -5.72 4.90
C ALA A 162 4.42 -4.28 5.35
N TYR A 163 5.35 -4.07 6.27
CA TYR A 163 5.57 -2.71 6.74
C TYR A 163 5.96 -1.78 5.60
N ALA A 164 6.90 -2.22 4.78
CA ALA A 164 7.29 -1.41 3.64
C ALA A 164 6.13 -1.14 2.69
N ALA A 165 5.36 -2.17 2.34
CA ALA A 165 4.23 -1.99 1.45
C ALA A 165 3.26 -1.00 2.07
N SER A 166 3.04 -1.11 3.38
CA SER A 166 2.10 -0.22 4.04
C SER A 166 2.57 1.23 4.17
N LYS A 167 3.90 1.42 4.26
CA LYS A 167 4.41 2.79 4.34
C LYS A 167 4.51 3.43 2.97
N PHE A 168 4.79 2.65 1.92
CA PHE A 168 4.59 3.13 0.56
C PHE A 168 3.14 3.59 0.39
N ALA A 169 2.18 2.76 0.78
CA ALA A 169 0.77 3.13 0.66
C ALA A 169 0.48 4.40 1.43
N THR A 170 1.11 4.56 2.59
CA THR A 170 0.93 5.77 3.42
C THR A 170 1.42 7.04 2.69
N GLU A 171 2.59 6.94 2.05
CA GLU A 171 3.07 8.07 1.24
C GLU A 171 2.10 8.37 0.12
N GLY A 172 1.55 7.34 -0.51
CA GLY A 172 0.62 7.59 -1.62
C GLY A 172 -0.67 8.23 -1.14
N MET A 173 -1.24 7.74 -0.03
CA MET A 173 -2.42 8.35 0.58
C MET A 173 -2.18 9.80 0.90
N MET A 174 -1.04 10.09 1.52
CA MET A 174 -0.70 11.46 1.87
C MET A 174 -0.68 12.32 0.63
N GLN A 175 -0.10 11.81 -0.44
CA GLN A 175 0.01 12.61 -1.64
C GLN A 175 -1.36 12.85 -2.28
N VAL A 176 -2.24 11.86 -2.33
CA VAL A 176 -3.60 12.03 -2.81
C VAL A 176 -4.32 13.10 -1.99
N LEU A 177 -4.27 12.96 -0.66
CA LEU A 177 -4.90 13.95 0.21
C LEU A 177 -4.33 15.34 0.04
N ALA A 178 -3.01 15.48 -0.06
CA ALA A 178 -2.42 16.80 -0.21
C ALA A 178 -2.91 17.43 -1.50
N ASP A 179 -3.06 16.65 -2.54
CA ASP A 179 -3.52 17.15 -3.83
C ASP A 179 -4.98 17.57 -3.73
N GLU A 180 -5.82 16.77 -3.08
CA GLU A 180 -7.24 17.13 -2.96
C GLU A 180 -7.45 18.38 -2.10
N TYR A 181 -6.60 18.59 -1.09
CA TYR A 181 -6.78 19.68 -0.09
C TYR A 181 -5.76 20.80 -0.23
N GLN A 182 -5.25 20.95 -1.44
CA GLN A 182 -4.49 22.17 -1.76
C GLN A 182 -5.22 23.40 -1.23
N GLN A 183 -4.51 24.27 -0.53
CA GLN A 183 -5.14 25.51 -0.09
C GLN A 183 -6.19 25.28 0.99
N ARG A 184 -6.31 24.05 1.49
CA ARG A 184 -7.30 23.76 2.53
C ARG A 184 -6.80 23.03 3.78
N LEU A 185 -5.88 22.08 3.64
CA LEU A 185 -5.28 21.41 4.81
C LEU A 185 -3.81 21.30 4.49
N ARG A 186 -2.99 21.12 5.51
CA ARG A 186 -1.58 20.77 5.42
C ARG A 186 -1.55 19.26 5.63
N VAL A 187 -0.99 18.49 4.68
CA VAL A 187 -0.99 17.01 4.80
C VAL A 187 0.45 16.56 4.49
N ASN A 188 1.08 15.89 5.46
CA ASN A 188 2.50 15.55 5.33
C ASN A 188 2.79 14.26 6.08
N CYS A 189 3.97 13.69 5.87
CA CYS A 189 4.42 12.52 6.63
C CYS A 189 5.66 12.84 7.41
N ILE A 190 5.82 12.12 8.51
CA ILE A 190 7.08 12.15 9.27
C ILE A 190 7.63 10.73 9.33
N ASN A 191 8.91 10.59 8.99
CA ASN A 191 9.65 9.37 9.19
C ASN A 191 10.48 9.52 10.46
N PRO A 192 10.09 8.84 11.54
CA PRO A 192 10.79 9.06 12.81
C PRO A 192 12.20 8.50 12.83
N GLY A 193 12.50 7.56 11.93
CA GLY A 193 13.81 6.92 11.90
C GLY A 193 13.83 5.87 13.00
N GLY A 194 15.01 5.33 13.26
CA GLY A 194 15.20 4.33 14.31
C GLY A 194 15.12 4.96 15.68
N THR A 195 14.13 4.51 16.45
CA THR A 195 13.90 5.06 17.78
C THR A 195 13.56 3.92 18.74
N ARG A 196 13.84 4.11 20.02
CA ARG A 196 13.37 3.24 21.10
C ARG A 196 12.31 2.19 20.78
N THR A 197 12.70 0.92 20.79
CA THR A 197 11.76 -0.20 20.78
C THR A 197 10.41 0.18 21.41
N PRO A 209 20.17 -1.08 21.94
CA PRO A 209 19.15 -0.03 21.93
C PRO A 209 19.66 1.27 22.56
N GLN A 210 20.68 1.17 23.39
CA GLN A 210 21.19 2.37 24.04
C GLN A 210 21.80 3.38 23.06
N LYS A 211 22.06 2.95 21.83
CA LYS A 211 22.75 3.80 20.87
C LYS A 211 21.80 4.75 20.14
N LEU A 212 20.53 4.38 20.09
CA LEU A 212 19.58 5.14 19.27
C LEU A 212 18.92 6.30 20.01
N LYS A 213 18.35 7.23 19.25
CA LYS A 213 17.67 8.37 19.80
C LYS A 213 16.36 7.94 20.49
N THR A 214 15.93 8.73 21.47
CA THR A 214 14.68 8.45 22.15
C THR A 214 13.57 9.26 21.48
N PRO A 215 12.31 8.91 21.77
CA PRO A 215 11.23 9.73 21.20
C PRO A 215 11.35 11.22 21.54
N ALA A 216 11.92 11.59 22.68
CA ALA A 216 12.04 13.00 23.00
C ALA A 216 12.94 13.70 21.99
N ASP A 217 13.96 13.00 21.52
CA ASP A 217 14.98 13.60 20.67
C ASP A 217 14.44 13.96 19.28
N ILE A 218 13.37 13.29 18.86
CA ILE A 218 12.85 13.53 17.51
C ILE A 218 11.63 14.47 17.50
N MET A 219 11.28 15.01 18.65
CA MET A 219 10.09 15.84 18.78
C MET A 219 10.13 17.16 17.99
N PRO A 220 11.33 17.72 17.72
CA PRO A 220 11.30 19.04 17.05
C PRO A 220 10.42 19.09 15.78
N LEU A 221 10.52 18.05 14.96
CA LEU A 221 9.77 17.97 13.72
C LEU A 221 8.26 17.82 14.00
N TYR A 222 7.93 17.02 15.02
CA TYR A 222 6.54 16.81 15.40
C TYR A 222 5.88 18.11 15.87
N LEU A 223 6.64 18.92 16.61
CA LEU A 223 6.15 20.22 17.00
C LEU A 223 6.02 21.14 15.81
N TRP A 224 7.06 21.20 14.98
CA TRP A 224 7.07 22.12 13.83
C TRP A 224 5.86 21.93 12.89
N LEU A 225 5.53 20.69 12.58
CA LEU A 225 4.38 20.39 11.71
C LEU A 225 3.02 20.82 12.29
N MET A 226 2.92 20.97 13.61
CA MET A 226 1.66 21.43 14.20
C MET A 226 1.64 22.94 14.45
N GLY A 227 2.81 23.56 14.48
CA GLY A 227 2.90 25.00 14.77
C GLY A 227 2.78 25.82 13.50
N ASP A 228 2.74 27.13 13.68
CA ASP A 228 2.41 28.00 12.57
C ASP A 228 3.52 28.15 11.54
N ASP A 229 4.74 27.80 11.93
CA ASP A 229 5.91 27.96 11.08
C ASP A 229 5.91 26.97 9.91
N SER A 230 5.03 25.97 9.97
CA SER A 230 4.89 25.03 8.86
C SER A 230 3.65 25.22 8.03
N ARG A 231 2.93 26.33 8.22
CA ARG A 231 1.70 26.51 7.47
C ARG A 231 2.05 26.48 5.98
N ARG A 232 1.15 25.97 5.16
CA ARG A 232 1.46 25.86 3.73
C ARG A 232 2.80 25.17 3.37
N LYS A 233 3.30 24.31 4.26
CA LYS A 233 4.11 23.17 3.83
C LYS A 233 3.10 22.03 3.73
N THR A 234 2.93 21.48 2.54
CA THR A 234 2.01 20.35 2.34
C THR A 234 2.51 19.39 1.25
N GLY A 235 2.09 18.13 1.32
CA GLY A 235 2.51 17.13 0.36
C GLY A 235 3.93 16.62 0.52
N MET A 236 4.54 16.86 1.67
CA MET A 236 5.95 16.50 1.84
C MET A 236 6.15 15.38 2.82
N THR A 237 7.30 14.72 2.72
CA THR A 237 7.65 13.69 3.68
C THR A 237 9.00 14.06 4.31
N PHE A 238 9.04 14.06 5.63
CA PHE A 238 10.18 14.62 6.35
C PHE A 238 10.87 13.57 7.19
N ASP A 239 12.19 13.64 7.31
CA ASP A 239 12.91 12.73 8.20
C ASP A 239 13.21 13.45 9.50
N ALA A 240 12.82 12.84 10.62
CA ALA A 240 12.90 13.51 11.94
C ALA A 240 14.28 13.97 12.49
N GLN A 241 15.37 13.32 12.14
CA GLN A 241 15.40 12.15 11.31
C GLN A 241 16.45 11.18 11.86
N GLN B 5 7.90 -14.34 -34.38
CA GLN B 5 9.27 -14.51 -33.79
C GLN B 5 9.22 -15.38 -32.54
N ASP B 6 10.39 -15.69 -32.01
CA ASP B 6 10.60 -16.84 -31.12
C ASP B 6 11.09 -16.44 -29.74
N LEU B 7 10.91 -15.18 -29.37
CA LEU B 7 11.46 -14.66 -28.12
C LEU B 7 11.20 -15.56 -26.92
N LEU B 8 10.01 -16.14 -26.86
CA LEU B 8 9.60 -16.84 -25.63
C LEU B 8 9.45 -18.34 -25.83
N ASN B 9 10.06 -18.89 -26.88
CA ASN B 9 10.07 -20.33 -27.00
C ASN B 9 10.58 -20.99 -25.71
N ASP B 10 9.95 -22.08 -25.33
CA ASP B 10 10.37 -22.83 -24.14
CA ASP B 10 10.33 -22.84 -24.13
C ASP B 10 10.33 -21.98 -22.86
N ARG B 11 9.41 -21.03 -22.80
CA ARG B 11 9.18 -20.28 -21.56
CA ARG B 11 9.17 -20.27 -21.57
C ARG B 11 7.76 -20.52 -21.11
N ILE B 12 7.60 -20.77 -19.82
CA ILE B 12 6.29 -21.04 -19.24
C ILE B 12 5.89 -19.81 -18.45
N ILE B 13 4.77 -19.17 -18.82
CA ILE B 13 4.41 -17.87 -18.26
C ILE B 13 2.98 -17.91 -17.77
N LEU B 14 2.78 -17.53 -16.52
CA LEU B 14 1.46 -17.45 -15.94
C LEU B 14 0.99 -15.99 -15.97
N VAL B 15 -0.26 -15.79 -16.40
CA VAL B 15 -0.84 -14.43 -16.52
C VAL B 15 -2.10 -14.39 -15.69
N THR B 16 -2.14 -13.51 -14.69
CA THR B 16 -3.36 -13.31 -13.91
C THR B 16 -4.29 -12.27 -14.50
N GLY B 17 -5.56 -12.29 -14.10
CA GLY B 17 -6.52 -11.39 -14.73
C GLY B 17 -6.55 -11.62 -16.23
N ALA B 18 -6.47 -12.89 -16.64
CA ALA B 18 -6.25 -13.20 -18.03
C ALA B 18 -7.45 -13.00 -18.93
N SER B 19 -8.63 -12.70 -18.37
CA SER B 19 -9.81 -12.46 -19.22
C SER B 19 -10.06 -11.01 -19.54
N ASP B 20 -9.35 -10.10 -18.88
CA ASP B 20 -9.57 -8.68 -19.12
C ASP B 20 -8.74 -8.17 -20.30
N GLY B 21 -8.89 -6.90 -20.65
CA GLY B 21 -8.29 -6.43 -21.88
C GLY B 21 -6.77 -6.62 -21.97
N ILE B 22 -6.04 -6.08 -21.01
CA ILE B 22 -4.57 -6.22 -20.99
CA ILE B 22 -4.57 -6.22 -21.03
C ILE B 22 -4.15 -7.67 -20.79
N GLY B 23 -4.81 -8.36 -19.87
CA GLY B 23 -4.44 -9.76 -19.55
C GLY B 23 -4.61 -10.68 -20.73
N ARG B 24 -5.74 -10.55 -21.44
CA ARG B 24 -6.01 -11.34 -22.65
C ARG B 24 -4.97 -11.07 -23.69
N GLU B 25 -4.62 -9.79 -23.84
CA GLU B 25 -3.68 -9.41 -24.88
C GLU B 25 -2.29 -9.94 -24.56
N ALA B 26 -1.90 -9.83 -23.29
CA ALA B 26 -0.60 -10.32 -22.85
C ALA B 26 -0.52 -11.82 -23.07
N ALA B 27 -1.55 -12.56 -22.67
CA ALA B 27 -1.58 -14.00 -22.86
C ALA B 27 -1.44 -14.34 -24.34
N MET B 28 -2.18 -13.64 -25.21
CA MET B 28 -2.13 -13.94 -26.63
C MET B 28 -0.76 -13.63 -27.19
N THR B 29 -0.22 -12.48 -26.79
CA THR B 29 1.09 -12.05 -27.29
C THR B 29 2.15 -13.05 -26.88
N TYR B 30 2.17 -13.42 -25.60
CA TYR B 30 3.16 -14.37 -25.16
C TYR B 30 3.08 -15.69 -25.94
N ALA B 31 1.86 -16.16 -26.16
CA ALA B 31 1.67 -17.38 -26.94
C ALA B 31 2.15 -17.23 -28.38
N ARG B 32 1.88 -16.08 -28.97
CA ARG B 32 2.34 -15.84 -30.35
C ARG B 32 3.85 -15.89 -30.46
N TYR B 33 4.53 -15.45 -29.41
CA TYR B 33 5.98 -15.46 -29.38
C TYR B 33 6.60 -16.73 -28.83
N GLY B 34 5.78 -17.78 -28.64
CA GLY B 34 6.31 -19.11 -28.37
C GLY B 34 6.08 -19.66 -26.97
N ALA B 35 5.53 -18.84 -26.07
CA ALA B 35 5.38 -19.27 -24.69
C ALA B 35 4.32 -20.33 -24.50
N THR B 36 4.50 -21.13 -23.44
CA THR B 36 3.47 -21.98 -22.90
C THR B 36 2.80 -21.12 -21.84
N VAL B 37 1.56 -20.74 -22.09
CA VAL B 37 0.88 -19.80 -21.22
C VAL B 37 -0.09 -20.49 -20.30
N ILE B 38 -0.16 -20.01 -19.06
CA ILE B 38 -1.14 -20.46 -18.08
C ILE B 38 -1.99 -19.25 -17.73
N LEU B 39 -3.30 -19.40 -17.83
CA LEU B 39 -4.24 -18.31 -17.55
C LEU B 39 -4.84 -18.48 -16.16
N LEU B 40 -4.92 -17.39 -15.40
CA LEU B 40 -5.56 -17.42 -14.10
C LEU B 40 -6.66 -16.40 -14.08
N GLY B 41 -7.83 -16.78 -13.56
CA GLY B 41 -8.90 -15.80 -13.38
C GLY B 41 -10.03 -16.37 -12.54
N ARG B 42 -11.08 -15.55 -12.36
CA ARG B 42 -12.26 -15.87 -11.55
C ARG B 42 -13.26 -16.79 -12.24
N ASN B 43 -13.39 -16.62 -13.54
CA ASN B 43 -14.53 -17.19 -14.26
C ASN B 43 -14.10 -18.21 -15.30
N GLU B 44 -14.46 -19.47 -15.08
CA GLU B 44 -14.04 -20.56 -15.95
C GLU B 44 -14.48 -20.35 -17.40
N GLU B 45 -15.71 -19.86 -17.60
CA GLU B 45 -16.22 -19.68 -18.96
C GLU B 45 -15.44 -18.64 -19.75
N LYS B 46 -15.11 -17.52 -19.12
CA LYS B 46 -14.31 -16.50 -19.80
C LYS B 46 -12.90 -17.01 -20.10
N LEU B 47 -12.30 -17.74 -19.16
CA LEU B 47 -10.96 -18.28 -19.38
C LEU B 47 -10.96 -19.30 -20.52
N ARG B 48 -11.96 -20.18 -20.55
CA ARG B 48 -12.06 -21.13 -21.65
C ARG B 48 -12.13 -20.43 -23.00
N GLN B 49 -12.89 -19.34 -23.08
CA GLN B 49 -13.01 -18.62 -24.34
C GLN B 49 -11.69 -17.97 -24.73
N VAL B 50 -10.98 -17.39 -23.77
CA VAL B 50 -9.67 -16.81 -24.07
C VAL B 50 -8.72 -17.88 -24.57
N ALA B 51 -8.71 -19.04 -23.90
CA ALA B 51 -7.80 -20.12 -24.28
C ALA B 51 -8.11 -20.61 -25.70
N SER B 52 -9.40 -20.74 -26.00
CA SER B 52 -9.85 -21.20 -27.31
C SER B 52 -9.36 -20.24 -28.41
N HIS B 53 -9.49 -18.94 -28.16
CA HIS B 53 -9.09 -17.93 -29.14
C HIS B 53 -7.58 -17.96 -29.33
N ILE B 54 -6.83 -18.08 -28.24
CA ILE B 54 -5.39 -18.18 -28.38
C ILE B 54 -4.99 -19.41 -29.22
N ASN B 55 -5.65 -20.53 -28.96
CA ASN B 55 -5.40 -21.73 -29.74
C ASN B 55 -5.69 -21.56 -31.23
N GLU B 56 -6.78 -20.88 -31.55
CA GLU B 56 -7.15 -20.70 -32.93
C GLU B 56 -6.10 -19.85 -33.59
N GLU B 57 -5.61 -18.84 -32.87
CA GLU B 57 -4.72 -17.85 -33.45
C GLU B 57 -3.27 -18.31 -33.49
N THR B 58 -2.90 -19.23 -32.61
CA THR B 58 -1.48 -19.59 -32.44
C THR B 58 -1.17 -21.07 -32.61
N GLY B 59 -2.18 -21.91 -32.51
CA GLY B 59 -1.99 -23.35 -32.53
C GLY B 59 -1.59 -23.94 -31.18
N ARG B 60 -1.41 -23.05 -30.20
CA ARG B 60 -1.06 -23.40 -28.81
C ARG B 60 -2.29 -23.20 -27.94
N GLN B 61 -2.70 -24.21 -27.19
CA GLN B 61 -3.81 -24.03 -26.23
C GLN B 61 -3.38 -23.88 -24.79
N PRO B 62 -3.59 -22.70 -24.23
CA PRO B 62 -3.24 -22.51 -22.82
C PRO B 62 -4.14 -23.30 -21.88
N GLN B 63 -3.60 -23.77 -20.76
CA GLN B 63 -4.41 -24.27 -19.66
C GLN B 63 -4.81 -23.09 -18.78
N TRP B 64 -5.85 -23.28 -17.98
CA TRP B 64 -6.31 -22.26 -17.06
C TRP B 64 -6.63 -22.83 -15.69
N PHE B 65 -6.58 -21.94 -14.71
CA PHE B 65 -6.92 -22.29 -13.33
C PHE B 65 -7.76 -21.16 -12.73
N ILE B 66 -8.61 -21.51 -11.76
CA ILE B 66 -9.52 -20.57 -11.16
C ILE B 66 -9.02 -20.07 -9.81
N LEU B 67 -9.01 -18.76 -9.61
CA LEU B 67 -8.71 -18.23 -8.31
C LEU B 67 -9.42 -16.91 -8.22
N ASP B 68 -10.13 -16.67 -7.13
CA ASP B 68 -10.79 -15.37 -6.94
C ASP B 68 -9.93 -14.60 -5.95
N LEU B 69 -9.17 -13.62 -6.40
CA LEU B 69 -8.27 -12.89 -5.49
C LEU B 69 -8.97 -12.12 -4.39
N LEU B 70 -10.23 -11.73 -4.59
CA LEU B 70 -10.91 -11.01 -3.54
C LEU B 70 -11.12 -11.85 -2.30
N THR B 71 -11.33 -13.16 -2.48
CA THR B 71 -11.69 -13.99 -1.34
C THR B 71 -10.72 -15.11 -1.02
N CYS B 72 -9.69 -15.29 -1.83
CA CYS B 72 -8.81 -16.42 -1.62
C CYS B 72 -8.02 -16.34 -0.34
N THR B 73 -7.71 -17.53 0.18
CA THR B 73 -6.75 -17.65 1.28
C THR B 73 -5.36 -18.03 0.78
N SER B 74 -4.39 -17.94 1.66
CA SER B 74 -3.06 -18.36 1.28
C SER B 74 -3.06 -19.83 0.94
N GLU B 75 -3.82 -20.61 1.70
CA GLU B 75 -3.98 -22.03 1.39
C GLU B 75 -4.55 -22.29 -0.02
N ASN B 76 -5.49 -21.48 -0.48
CA ASN B 76 -6.01 -21.63 -1.85
C ASN B 76 -4.89 -21.38 -2.86
N CYS B 77 -4.02 -20.41 -2.58
CA CYS B 77 -2.91 -20.11 -3.50
C CYS B 77 -1.92 -21.25 -3.51
N GLN B 78 -1.68 -21.84 -2.35
CA GLN B 78 -0.78 -22.97 -2.27
C GLN B 78 -1.35 -24.18 -3.01
N GLN B 79 -2.66 -24.37 -2.93
CA GLN B 79 -3.29 -25.45 -3.70
C GLN B 79 -3.14 -25.19 -5.22
N LEU B 80 -3.28 -23.94 -5.64
CA LEU B 80 -3.07 -23.63 -7.04
C LEU B 80 -1.65 -24.00 -7.46
N ALA B 81 -0.64 -23.60 -6.67
CA ALA B 81 0.72 -24.00 -7.03
C ALA B 81 0.84 -25.52 -7.15
N GLN B 82 0.18 -26.26 -6.26
CA GLN B 82 0.25 -27.70 -6.35
C GLN B 82 -0.33 -28.22 -7.66
N ARG B 83 -1.42 -27.60 -8.13
CA ARG B 83 -2.02 -28.06 -9.39
C ARG B 83 -1.02 -27.77 -10.51
N ILE B 84 -0.36 -26.60 -10.46
CA ILE B 84 0.61 -26.26 -11.49
C ILE B 84 1.76 -27.26 -11.51
N VAL B 85 2.25 -27.68 -10.33
CA VAL B 85 3.41 -28.55 -10.26
C VAL B 85 3.15 -29.91 -10.90
N VAL B 86 1.89 -30.35 -10.94
CA VAL B 86 1.61 -31.65 -11.58
C VAL B 86 1.97 -31.61 -13.05
N ASN B 87 1.69 -30.49 -13.70
CA ASN B 87 1.84 -30.39 -15.15
C ASN B 87 3.01 -29.55 -15.67
N TYR B 88 3.66 -28.75 -14.80
CA TYR B 88 4.71 -27.86 -15.28
C TYR B 88 5.91 -27.95 -14.35
N PRO B 89 7.13 -27.95 -14.93
CA PRO B 89 8.31 -28.13 -14.07
C PRO B 89 8.88 -26.88 -13.43
N ARG B 90 8.36 -25.72 -13.83
CA ARG B 90 8.86 -24.43 -13.39
C ARG B 90 7.90 -23.37 -13.88
N LEU B 91 8.06 -22.14 -13.39
CA LEU B 91 7.49 -20.97 -14.06
C LEU B 91 8.64 -20.06 -14.45
N ASP B 92 8.68 -19.66 -15.70
CA ASP B 92 9.68 -18.68 -16.17
C ASP B 92 9.22 -17.25 -15.99
N GLY B 93 7.91 -17.05 -15.89
CA GLY B 93 7.40 -15.69 -15.73
C GLY B 93 6.05 -15.73 -15.04
N VAL B 94 5.78 -14.72 -14.22
CA VAL B 94 4.45 -14.47 -13.67
C VAL B 94 4.14 -13.02 -13.93
N LEU B 95 3.04 -12.76 -14.64
CA LEU B 95 2.54 -11.42 -14.84
C LEU B 95 1.30 -11.23 -13.98
N HIS B 96 1.41 -10.34 -12.99
CA HIS B 96 0.28 -10.02 -12.14
C HIS B 96 -0.46 -8.86 -12.78
N ASN B 97 -1.51 -9.17 -13.51
CA ASN B 97 -2.34 -8.19 -14.17
C ASN B 97 -3.70 -8.02 -13.50
N ALA B 98 -4.13 -8.98 -12.68
CA ALA B 98 -5.38 -8.87 -11.94
C ALA B 98 -5.39 -7.60 -11.12
N GLY B 99 -6.54 -6.97 -11.02
CA GLY B 99 -6.62 -5.77 -10.20
C GLY B 99 -8.02 -5.24 -10.14
N LEU B 100 -8.26 -4.36 -9.18
CA LEU B 100 -9.53 -3.64 -9.06
C LEU B 100 -9.21 -2.16 -9.01
N LEU B 101 -9.94 -1.34 -9.78
CA LEU B 101 -9.73 0.09 -9.79
C LEU B 101 -10.43 0.71 -8.59
N GLY B 102 -11.65 0.30 -8.31
CA GLY B 102 -12.42 0.91 -7.23
C GLY B 102 -12.95 2.29 -7.56
N ASP B 103 -13.14 3.09 -6.52
CA ASP B 103 -13.76 4.40 -6.62
C ASP B 103 -12.82 5.45 -7.15
N VAL B 104 -13.29 6.26 -8.07
CA VAL B 104 -12.52 7.42 -8.51
C VAL B 104 -13.32 8.64 -8.09
N CYS B 105 -12.93 9.19 -6.95
CA CYS B 105 -13.70 10.22 -6.29
C CYS B 105 -12.86 10.66 -5.08
N PRO B 106 -13.17 11.83 -4.51
CA PRO B 106 -12.37 12.34 -3.41
C PRO B 106 -12.29 11.41 -2.24
N MET B 107 -11.24 11.56 -1.46
CA MET B 107 -11.06 10.79 -0.25
C MET B 107 -12.24 10.86 0.72
N SER B 108 -12.90 12.00 0.80
CA SER B 108 -14.02 12.14 1.70
C SER B 108 -15.22 11.26 1.25
N GLU B 109 -15.21 10.83 0.00
CA GLU B 109 -16.33 10.10 -0.63
C GLU B 109 -15.97 8.62 -0.91
N GLN B 110 -14.70 8.26 -0.81
CA GLN B 110 -14.28 6.88 -1.09
C GLN B 110 -15.09 5.90 -0.22
N ASN B 111 -15.65 4.85 -0.80
CA ASN B 111 -16.40 3.87 0.01
C ASN B 111 -15.43 2.96 0.74
N PRO B 112 -15.56 2.83 2.07
CA PRO B 112 -14.54 2.02 2.80
C PRO B 112 -14.54 0.52 2.45
N GLN B 113 -15.68 -0.06 2.09
CA GLN B 113 -15.66 -1.48 1.68
C GLN B 113 -14.92 -1.63 0.35
N VAL B 114 -15.19 -0.73 -0.59
CA VAL B 114 -14.48 -0.76 -1.88
C VAL B 114 -12.96 -0.58 -1.66
N TRP B 115 -12.60 0.33 -0.75
CA TRP B 115 -11.18 0.56 -0.42
C TRP B 115 -10.57 -0.75 0.04
N GLN B 116 -11.25 -1.42 0.96
CA GLN B 116 -10.73 -2.66 1.50
C GLN B 116 -10.60 -3.72 0.40
N ASP B 117 -11.55 -3.77 -0.53
CA ASP B 117 -11.50 -4.74 -1.64
C ASP B 117 -10.35 -4.46 -2.60
N VAL B 118 -10.11 -3.19 -2.90
CA VAL B 118 -8.98 -2.81 -3.74
C VAL B 118 -7.67 -3.25 -3.10
N MET B 119 -7.55 -3.00 -1.80
CA MET B 119 -6.30 -3.41 -1.12
C MET B 119 -6.19 -4.92 -1.08
N GLN B 120 -7.32 -5.59 -0.88
CA GLN B 120 -7.26 -7.03 -0.74
C GLN B 120 -6.82 -7.70 -2.03
N ILE B 121 -7.35 -7.24 -3.17
CA ILE B 121 -6.98 -7.82 -4.48
C ILE B 121 -5.60 -7.34 -4.92
N ASN B 122 -5.35 -6.03 -4.89
CA ASN B 122 -4.16 -5.49 -5.53
C ASN B 122 -2.94 -5.74 -4.70
N VAL B 123 -3.07 -5.78 -3.39
CA VAL B 123 -1.91 -5.92 -2.52
C VAL B 123 -1.91 -7.30 -1.82
N ASN B 124 -2.91 -7.60 -1.00
CA ASN B 124 -2.79 -8.76 -0.12
C ASN B 124 -2.84 -10.08 -0.86
N ALA B 125 -3.78 -10.23 -1.78
CA ALA B 125 -3.89 -11.47 -2.57
C ALA B 125 -2.78 -11.57 -3.59
N THR B 126 -2.36 -10.45 -4.13
CA THR B 126 -1.22 -10.43 -5.04
C THR B 126 0.04 -10.90 -4.30
N PHE B 127 0.24 -10.45 -3.05
CA PHE B 127 1.33 -10.95 -2.20
C PHE B 127 1.15 -12.47 -1.97
N MET B 128 -0.02 -12.90 -1.53
CA MET B 128 -0.20 -14.32 -1.22
C MET B 128 0.08 -15.19 -2.44
N LEU B 129 -0.38 -14.80 -3.61
CA LEU B 129 -0.12 -15.58 -4.81
C LEU B 129 1.35 -15.58 -5.15
N THR B 130 2.01 -14.43 -5.03
CA THR B 130 3.45 -14.37 -5.26
C THR B 130 4.15 -15.36 -4.35
N GLN B 131 3.82 -15.35 -3.05
CA GLN B 131 4.51 -16.26 -2.16
C GLN B 131 4.33 -17.71 -2.59
N ALA B 132 3.13 -18.07 -3.02
CA ALA B 132 2.86 -19.45 -3.44
C ALA B 132 3.66 -19.86 -4.67
N LEU B 133 3.94 -18.90 -5.54
CA LEU B 133 4.60 -19.16 -6.81
C LEU B 133 6.11 -18.94 -6.82
N LEU B 134 6.66 -18.41 -5.74
CA LEU B 134 8.13 -18.21 -5.72
C LEU B 134 8.96 -19.48 -5.94
N PRO B 135 8.60 -20.61 -5.35
CA PRO B 135 9.43 -21.81 -5.58
C PRO B 135 9.46 -22.21 -7.05
N LEU B 136 8.32 -22.17 -7.73
CA LEU B 136 8.30 -22.46 -9.16
C LEU B 136 9.13 -21.47 -9.95
N LEU B 137 9.07 -20.18 -9.61
CA LEU B 137 9.91 -19.18 -10.28
C LEU B 137 11.41 -19.39 -10.09
N LEU B 138 11.76 -19.85 -8.89
CA LEU B 138 13.17 -20.13 -8.60
C LEU B 138 13.72 -21.28 -9.43
N LYS B 139 12.83 -22.09 -10.01
CA LYS B 139 13.26 -23.21 -10.85
C LYS B 139 13.56 -22.80 -12.26
N SER B 140 13.18 -21.59 -12.66
CA SER B 140 13.55 -21.06 -13.96
C SER B 140 15.03 -20.77 -13.98
N ASP B 141 15.63 -20.77 -15.17
CA ASP B 141 17.02 -20.30 -15.32
C ASP B 141 17.14 -18.82 -14.94
N ALA B 142 16.05 -18.06 -15.12
CA ALA B 142 16.02 -16.62 -14.83
C ALA B 142 14.57 -16.16 -14.69
N GLY B 143 13.92 -16.49 -13.59
CA GLY B 143 12.50 -16.19 -13.49
C GLY B 143 12.24 -14.70 -13.51
N SER B 144 11.11 -14.33 -14.12
CA SER B 144 10.73 -12.91 -14.19
C SER B 144 9.36 -12.70 -13.58
N LEU B 145 9.28 -11.84 -12.56
CA LEU B 145 8.08 -11.54 -11.85
C LEU B 145 7.70 -10.09 -12.14
N VAL B 146 6.49 -9.87 -12.65
CA VAL B 146 6.07 -8.53 -13.09
C VAL B 146 4.76 -8.16 -12.42
N PHE B 147 4.75 -7.01 -11.78
CA PHE B 147 3.54 -6.44 -11.18
C PHE B 147 3.01 -5.32 -12.06
N THR B 148 1.72 -5.02 -11.91
CA THR B 148 1.11 -3.92 -12.64
C THR B 148 1.02 -2.71 -11.70
N SER B 149 1.63 -1.61 -12.15
CA SER B 149 1.54 -0.36 -11.44
C SER B 149 0.68 0.66 -12.20
N SER B 150 0.90 1.96 -11.94
CA SER B 150 0.13 3.03 -12.52
C SER B 150 0.91 4.32 -12.32
N SER B 151 0.58 5.36 -13.09
CA SER B 151 1.19 6.62 -12.79
C SER B 151 0.90 7.06 -11.35
N VAL B 152 -0.29 6.71 -10.84
CA VAL B 152 -0.64 7.11 -9.47
C VAL B 152 -0.02 6.20 -8.41
N GLY B 153 0.74 5.19 -8.83
CA GLY B 153 1.60 4.48 -7.90
C GLY B 153 2.96 5.13 -7.72
N ARG B 154 3.25 6.19 -8.46
N ARG B 154 3.25 6.17 -8.51
CA ARG B 154 4.51 6.92 -8.26
CA ARG B 154 4.51 6.93 -8.41
C ARG B 154 4.28 8.36 -7.78
C ARG B 154 4.29 8.33 -7.81
N GLN B 155 3.15 8.94 -8.17
CA GLN B 155 2.78 10.28 -7.68
C GLN B 155 1.29 10.26 -7.45
N GLY B 156 0.86 10.36 -6.20
CA GLY B 156 -0.56 10.31 -5.90
C GLY B 156 -1.24 11.55 -6.46
N ARG B 157 -2.46 11.38 -6.97
CA ARG B 157 -3.22 12.50 -7.51
C ARG B 157 -4.63 12.43 -6.98
N ALA B 158 -5.26 13.61 -6.91
CA ALA B 158 -6.64 13.72 -6.44
C ALA B 158 -7.56 12.73 -7.10
N ASN B 159 -8.46 12.17 -6.29
CA ASN B 159 -9.53 11.26 -6.72
C ASN B 159 -9.13 9.81 -6.89
N TRP B 160 -7.84 9.48 -6.81
CA TRP B 160 -7.43 8.12 -7.11
C TRP B 160 -7.32 7.22 -5.89
N GLY B 161 -7.59 7.77 -4.72
CA GLY B 161 -7.79 7.02 -3.49
C GLY B 161 -7.16 5.64 -3.34
N ALA B 162 -7.99 4.60 -3.26
CA ALA B 162 -7.49 3.28 -2.94
C ALA B 162 -6.56 2.77 -4.01
N TYR B 163 -6.89 3.05 -5.26
CA TYR B 163 -6.03 2.57 -6.33
C TYR B 163 -4.60 3.11 -6.17
N ALA B 164 -4.48 4.41 -5.94
CA ALA B 164 -3.19 4.99 -5.69
C ALA B 164 -2.45 4.36 -4.53
N ALA B 165 -3.12 4.26 -3.37
CA ALA B 165 -2.50 3.61 -2.23
C ALA B 165 -2.05 2.20 -2.57
N SER B 166 -2.87 1.47 -3.31
CA SER B 166 -2.54 0.09 -3.58
C SER B 166 -1.38 -0.03 -4.58
N LYS B 167 -1.28 0.93 -5.50
CA LYS B 167 -0.18 0.86 -6.48
C LYS B 167 1.15 1.39 -5.92
N PHE B 168 1.09 2.33 -4.98
CA PHE B 168 2.31 2.65 -4.21
C PHE B 168 2.72 1.39 -3.42
N ALA B 169 1.78 0.72 -2.76
CA ALA B 169 2.15 -0.50 -2.05
C ALA B 169 2.78 -1.53 -3.00
N THR B 170 2.28 -1.59 -4.22
CA THR B 170 2.79 -2.54 -5.22
C THR B 170 4.25 -2.21 -5.57
N GLU B 171 4.53 -0.93 -5.79
CA GLU B 171 5.90 -0.51 -6.06
C GLU B 171 6.77 -0.91 -4.87
N GLY B 172 6.29 -0.74 -3.65
CA GLY B 172 7.10 -1.02 -2.47
C GLY B 172 7.36 -2.52 -2.39
N MET B 173 6.32 -3.35 -2.59
CA MET B 173 6.49 -4.80 -2.57
C MET B 173 7.49 -5.23 -3.61
N MET B 174 7.38 -4.68 -4.81
CA MET B 174 8.28 -4.99 -5.89
C MET B 174 9.71 -4.69 -5.45
N GLN B 175 9.92 -3.53 -4.81
CA GLN B 175 11.29 -3.14 -4.41
C GLN B 175 11.82 -4.06 -3.34
N VAL B 176 10.99 -4.45 -2.38
CA VAL B 176 11.44 -5.38 -1.36
C VAL B 176 11.84 -6.71 -2.01
N LEU B 177 10.98 -7.26 -2.85
CA LEU B 177 11.30 -8.49 -3.56
C LEU B 177 12.57 -8.39 -4.41
N ALA B 178 12.72 -7.31 -5.14
CA ALA B 178 13.92 -7.16 -5.96
C ALA B 178 15.18 -7.18 -5.11
N ASP B 179 15.13 -6.55 -3.94
CA ASP B 179 16.27 -6.54 -3.02
C ASP B 179 16.54 -7.94 -2.50
N GLU B 180 15.49 -8.67 -2.09
CA GLU B 180 15.69 -10.04 -1.58
C GLU B 180 16.20 -11.00 -2.63
N TYR B 181 15.79 -10.82 -3.88
CA TYR B 181 16.13 -11.79 -4.94
C TYR B 181 17.15 -11.29 -5.93
N GLN B 182 18.01 -10.35 -5.53
CA GLN B 182 19.17 -9.99 -6.37
C GLN B 182 19.85 -11.23 -6.84
N GLN B 183 20.10 -11.28 -8.15
CA GLN B 183 20.81 -12.40 -8.77
C GLN B 183 20.07 -13.73 -8.74
N ARG B 184 18.78 -13.68 -8.43
CA ARG B 184 18.02 -14.90 -8.41
C ARG B 184 16.72 -14.75 -9.25
N LEU B 185 15.99 -13.65 -9.10
CA LEU B 185 14.78 -13.39 -9.88
C LEU B 185 14.89 -11.97 -10.38
N ARG B 186 14.22 -11.69 -11.49
CA ARG B 186 14.05 -10.31 -11.88
CA ARG B 186 13.98 -10.35 -12.05
C ARG B 186 12.64 -9.95 -11.47
N VAL B 187 12.51 -8.79 -10.83
CA VAL B 187 11.22 -8.33 -10.25
C VAL B 187 11.03 -6.87 -10.63
N ASN B 188 9.98 -6.56 -11.38
CA ASN B 188 9.80 -5.23 -11.92
C ASN B 188 8.29 -4.92 -12.00
N CYS B 189 7.97 -3.64 -12.27
CA CYS B 189 6.58 -3.23 -12.47
C CYS B 189 6.41 -2.65 -13.84
N ILE B 190 5.20 -2.84 -14.38
CA ILE B 190 4.79 -2.13 -15.61
C ILE B 190 3.63 -1.19 -15.32
N ASN B 191 3.73 0.07 -15.73
CA ASN B 191 2.59 0.98 -15.76
C ASN B 191 2.07 0.99 -17.20
N PRO B 192 0.89 0.40 -17.42
CA PRO B 192 0.37 0.31 -18.80
C PRO B 192 0.00 1.67 -19.40
N GLY B 193 -0.23 2.67 -18.55
CA GLY B 193 -0.71 3.96 -18.98
C GLY B 193 -2.19 3.88 -19.22
N GLY B 194 -2.76 4.99 -19.66
CA GLY B 194 -4.16 4.99 -20.06
C GLY B 194 -4.35 4.18 -21.33
N THR B 195 -5.25 3.21 -21.26
CA THR B 195 -5.46 2.32 -22.38
C THR B 195 -6.93 2.23 -22.71
N ARG B 196 -7.23 1.79 -23.92
CA ARG B 196 -8.60 1.64 -24.37
C ARG B 196 -9.29 0.60 -23.50
N THR B 197 -9.09 0.76 -22.20
CA THR B 197 -9.93 0.15 -21.18
C THR B 197 -10.58 -1.16 -21.56
N PRO B 209 -11.88 4.99 -26.22
CA PRO B 209 -11.83 6.25 -26.94
C PRO B 209 -10.59 6.40 -27.82
N GLN B 210 -10.77 7.04 -28.96
CA GLN B 210 -9.82 7.01 -30.05
C GLN B 210 -8.53 7.77 -29.76
N LYS B 211 -8.46 8.37 -28.58
CA LYS B 211 -7.30 9.14 -28.18
C LYS B 211 -6.26 8.19 -27.58
N LEU B 212 -6.72 7.05 -27.10
CA LEU B 212 -5.88 6.15 -26.33
C LEU B 212 -5.28 5.00 -27.15
N LYS B 213 -4.16 4.47 -26.67
CA LYS B 213 -3.59 3.29 -27.28
C LYS B 213 -4.37 2.07 -26.82
N THR B 214 -4.28 0.99 -27.58
CA THR B 214 -4.95 -0.27 -27.28
C THR B 214 -3.98 -1.17 -26.54
N PRO B 215 -4.48 -2.23 -25.87
CA PRO B 215 -3.54 -3.18 -25.28
C PRO B 215 -2.49 -3.70 -26.28
N ALA B 216 -2.88 -3.96 -27.52
CA ALA B 216 -1.90 -4.42 -28.49
C ALA B 216 -0.72 -3.45 -28.62
N ASP B 217 -1.02 -2.15 -28.56
CA ASP B 217 0.03 -1.12 -28.74
C ASP B 217 1.08 -1.08 -27.63
N ILE B 218 0.71 -1.53 -26.44
CA ILE B 218 1.61 -1.44 -25.31
C ILE B 218 2.35 -2.73 -25.03
N MET B 219 2.20 -3.73 -25.91
CA MET B 219 2.80 -5.05 -25.70
C MET B 219 4.33 -5.10 -25.74
N PRO B 220 5.01 -4.18 -26.46
CA PRO B 220 6.48 -4.38 -26.53
C PRO B 220 7.15 -4.52 -25.15
N LEU B 221 6.76 -3.72 -24.17
CA LEU B 221 7.35 -3.79 -22.87
C LEU B 221 6.98 -5.10 -22.14
N TYR B 222 5.75 -5.56 -22.30
CA TYR B 222 5.32 -6.83 -21.74
C TYR B 222 6.16 -7.99 -22.25
N LEU B 223 6.49 -7.96 -23.56
CA LEU B 223 7.34 -8.97 -24.16
C LEU B 223 8.76 -8.84 -23.63
N TRP B 224 9.28 -7.61 -23.63
CA TRP B 224 10.67 -7.39 -23.23
C TRP B 224 10.97 -7.89 -21.83
N LEU B 225 10.05 -7.67 -20.89
CA LEU B 225 10.28 -8.10 -19.51
C LEU B 225 10.26 -9.60 -19.35
N MET B 226 9.66 -10.35 -20.26
CA MET B 226 9.68 -11.81 -20.17
C MET B 226 10.78 -12.46 -20.97
N GLY B 227 11.30 -11.77 -21.97
CA GLY B 227 12.38 -12.33 -22.81
C GLY B 227 13.77 -12.08 -22.26
N ASP B 228 14.77 -12.70 -22.86
CA ASP B 228 16.11 -12.68 -22.27
C ASP B 228 16.79 -11.32 -22.29
N ASP B 229 16.31 -10.41 -23.12
CA ASP B 229 16.99 -9.12 -23.19
C ASP B 229 16.93 -8.34 -21.89
N SER B 230 15.95 -8.65 -21.03
CA SER B 230 15.82 -7.96 -19.76
C SER B 230 16.37 -8.73 -18.58
N ARG B 231 17.16 -9.77 -18.84
CA ARG B 231 17.66 -10.60 -17.73
C ARG B 231 18.43 -9.86 -16.63
N ARG B 232 19.15 -8.80 -16.98
CA ARG B 232 19.90 -8.03 -15.98
C ARG B 232 19.13 -6.81 -15.49
N LYS B 233 17.80 -6.84 -15.60
CA LYS B 233 16.97 -5.72 -15.16
C LYS B 233 16.10 -6.14 -14.01
N THR B 234 16.28 -5.55 -12.85
CA THR B 234 15.45 -5.84 -11.70
C THR B 234 15.25 -4.61 -10.84
N GLY B 235 14.15 -4.56 -10.10
CA GLY B 235 13.95 -3.45 -9.20
C GLY B 235 13.41 -2.17 -9.80
N MET B 236 12.93 -2.23 -11.03
CA MET B 236 12.57 -1.04 -11.78
C MET B 236 11.09 -1.00 -12.11
N THR B 237 10.59 0.22 -12.34
CA THR B 237 9.24 0.40 -12.81
C THR B 237 9.26 1.09 -14.16
N PHE B 238 8.50 0.52 -15.10
CA PHE B 238 8.59 0.92 -16.50
C PHE B 238 7.24 1.43 -17.00
N ASP B 239 7.28 2.42 -17.87
CA ASP B 239 6.08 2.88 -18.54
C ASP B 239 5.95 2.23 -19.91
N ALA B 240 4.80 1.58 -20.15
CA ALA B 240 4.58 0.91 -21.44
C ALA B 240 4.40 1.90 -22.57
N GLN B 241 4.07 3.14 -22.22
CA GLN B 241 3.95 4.26 -23.16
C GLN B 241 4.99 5.31 -22.81
N PRO B 242 4.61 6.29 -21.99
CA PRO B 242 5.67 7.19 -21.60
C PRO B 242 5.53 7.57 -20.13
#